data_4HFQ
#
_entry.id   4HFQ
#
_cell.length_a   77.992
_cell.length_b   77.992
_cell.length_c   64.704
_cell.angle_alpha   90.000
_cell.angle_beta   90.000
_cell.angle_gamma   120.000
#
_symmetry.space_group_name_H-M   'P 31'
#
loop_
_entity.id
_entity.type
_entity.pdbx_description
1 polymer 'MutT/nudix family protein'
2 non-polymer 1,2-ETHANEDIOL
3 non-polymer 2-AMINO-2-HYDROXYMETHYL-PROPANE-1,3-DIOL
4 non-polymer 'SULFATE ION'
5 non-polymer DI(HYDROXYETHYL)ETHER
6 non-polymer GLYCEROL
7 non-polymer 'TRIETHYLENE GLYCOL'
8 water water
#
_entity_poly.entity_id   1
_entity_poly.type   'polypeptide(L)'
_entity_poly.pdbx_seq_one_letter_code
;MKTSDFVKYLQRMIAITDTGLTFTKDPFDRERYEDLRSLLSEMLNQASDLDSEEVAEVLKPTSAYATPLMDVRAWIVEDE
KICLVRGQGEDSWALPGGFGEVGYSPTENILKEIEEETGFKAKVERLLAVFDTNRFQLQSKQYTKFVFGCKLLDGQFQEN
QEIADLQFFAIDQLPNLSEKRITKEQIELLWQVYQGHRGQYLD
;
_entity_poly.pdbx_strand_id   A,B
#
# COMPACT_ATOMS: atom_id res chain seq x y z
N MET A 1 15.81 -10.28 18.01
CA MET A 1 15.00 -9.70 16.88
C MET A 1 15.86 -9.55 15.63
N LYS A 2 15.28 -9.92 14.50
CA LYS A 2 15.91 -9.70 13.18
C LYS A 2 15.77 -8.26 12.74
N THR A 3 16.73 -7.77 11.98
CA THR A 3 16.66 -6.44 11.43
C THR A 3 15.36 -6.19 10.66
N SER A 4 14.99 -7.15 9.81
CA SER A 4 13.78 -6.97 8.99
C SER A 4 12.53 -6.83 9.86
N ASP A 5 12.47 -7.61 10.93
CA ASP A 5 11.34 -7.52 11.84
C ASP A 5 11.34 -6.20 12.58
N PHE A 6 12.48 -5.73 13.05
CA PHE A 6 12.54 -4.41 13.67
C PHE A 6 11.96 -3.35 12.74
N VAL A 7 12.37 -3.35 11.48
CA VAL A 7 11.89 -2.35 10.54
C VAL A 7 10.38 -2.47 10.32
N LYS A 8 9.87 -3.69 10.16
CA LYS A 8 8.43 -3.85 10.01
C LYS A 8 7.66 -3.40 11.25
N TYR A 9 8.17 -3.70 12.45
CA TYR A 9 7.52 -3.24 13.69
C TYR A 9 7.51 -1.73 13.75
N LEU A 10 8.66 -1.09 13.46
CA LEU A 10 8.72 0.36 13.49
C LEU A 10 7.74 0.99 12.50
N GLN A 11 7.77 0.48 11.29
CA GLN A 11 6.94 0.99 10.22
C GLN A 11 5.45 0.90 10.64
N ARG A 12 5.06 -0.21 11.23
CA ARG A 12 3.67 -0.41 11.65
C ARG A 12 3.28 0.51 12.81
N MET A 13 4.17 0.63 13.80
CA MET A 13 3.85 1.50 14.94
C MET A 13 3.77 2.97 14.55
N ILE A 14 4.60 3.42 13.61
CA ILE A 14 4.46 4.77 13.09
C ILE A 14 3.06 4.93 12.47
N ALA A 15 2.64 3.96 11.66
CA ALA A 15 1.35 4.06 11.01
C ALA A 15 0.18 4.09 11.99
N ILE A 16 0.21 3.25 13.03
CA ILE A 16 -0.87 3.23 14.01
C ILE A 16 -0.94 4.55 14.77
N THR A 17 0.23 5.03 15.20
N THR A 17 0.22 5.03 15.23
CA THR A 17 0.33 6.25 15.97
CA THR A 17 0.27 6.29 15.98
C THR A 17 -0.17 7.45 15.16
C THR A 17 -0.23 7.45 15.14
N ASP A 18 0.17 7.50 13.88
CA ASP A 18 -0.29 8.55 12.99
C ASP A 18 -1.79 8.49 12.76
N THR A 19 -2.32 7.27 12.65
CA THR A 19 -3.77 7.08 12.52
C THR A 19 -4.47 7.58 13.79
N GLY A 20 -3.88 7.30 14.96
CA GLY A 20 -4.41 7.82 16.22
C GLY A 20 -4.43 9.35 16.24
N LEU A 21 -3.35 9.98 15.79
CA LEU A 21 -3.32 11.44 15.79
C LEU A 21 -4.38 12.04 14.89
N THR A 22 -4.59 11.42 13.73
CA THR A 22 -5.60 11.92 12.80
C THR A 22 -7.01 11.73 13.29
N PHE A 23 -7.29 10.60 13.94
CA PHE A 23 -8.66 10.21 14.22
C PHE A 23 -9.15 10.40 15.64
N THR A 24 -8.26 10.49 16.62
CA THR A 24 -8.76 10.63 17.99
C THR A 24 -9.40 12.00 18.23
N LYS A 25 -10.33 12.05 19.18
CA LYS A 25 -11.05 13.27 19.51
C LYS A 25 -10.79 13.70 20.96
N ASP A 26 -9.92 12.99 21.65
CA ASP A 26 -9.64 13.26 23.05
C ASP A 26 -8.25 13.81 23.25
N PRO A 27 -8.09 14.91 23.99
CA PRO A 27 -6.76 15.51 24.14
C PRO A 27 -5.76 14.65 24.89
N PHE A 28 -6.21 13.78 25.80
CA PHE A 28 -5.27 12.91 26.50
C PHE A 28 -4.82 11.76 25.60
N ASP A 29 -5.72 11.26 24.76
CA ASP A 29 -5.31 10.27 23.74
C ASP A 29 -4.34 10.90 22.74
N ARG A 30 -4.63 12.14 22.31
CA ARG A 30 -3.70 12.83 21.41
C ARG A 30 -2.30 12.87 22.03
N GLU A 31 -2.21 13.25 23.30
N GLU A 31 -2.20 13.26 23.30
CA GLU A 31 -0.94 13.33 23.98
CA GLU A 31 -0.90 13.34 23.96
C GLU A 31 -0.24 11.98 24.04
C GLU A 31 -0.23 11.98 24.07
N ARG A 32 -1.01 10.92 24.29
CA ARG A 32 -0.45 9.57 24.29
C ARG A 32 0.19 9.22 22.95
N TYR A 33 -0.52 9.48 21.84
CA TYR A 33 0.05 9.21 20.53
C TYR A 33 1.29 10.08 20.27
N GLU A 34 1.25 11.34 20.72
CA GLU A 34 2.40 12.22 20.51
C GLU A 34 3.61 11.69 21.27
N ASP A 35 3.38 11.24 22.51
CA ASP A 35 4.45 10.68 23.33
C ASP A 35 4.99 9.38 22.73
N LEU A 36 4.11 8.56 22.16
CA LEU A 36 4.54 7.37 21.46
C LEU A 36 5.41 7.74 20.24
N ARG A 37 4.98 8.76 19.49
N ARG A 37 4.98 8.75 19.48
CA ARG A 37 5.77 9.16 18.31
CA ARG A 37 5.76 9.16 18.32
C ARG A 37 7.13 9.71 18.69
C ARG A 37 7.15 9.64 18.74
N SER A 38 7.20 10.39 19.84
CA SER A 38 8.49 10.89 20.34
C SER A 38 9.42 9.73 20.72
N LEU A 39 8.85 8.69 21.35
CA LEU A 39 9.64 7.50 21.67
C LEU A 39 10.08 6.73 20.43
N LEU A 40 9.21 6.63 19.43
CA LEU A 40 9.59 5.97 18.18
C LEU A 40 10.77 6.68 17.55
N SER A 41 10.74 8.01 17.61
N SER A 41 10.76 8.02 17.58
CA SER A 41 11.80 8.85 17.07
CA SER A 41 11.87 8.82 17.05
C SER A 41 13.13 8.67 17.82
C SER A 41 13.15 8.52 17.82
N GLU A 42 13.07 8.57 19.14
CA GLU A 42 14.25 8.34 19.98
C GLU A 42 14.81 6.96 19.73
N MET A 43 13.93 5.97 19.61
CA MET A 43 14.34 4.60 19.40
C MET A 43 15.00 4.44 18.03
N LEU A 44 14.40 5.04 17.01
CA LEU A 44 14.99 4.99 15.67
C LEU A 44 16.38 5.63 15.64
N ASN A 45 16.53 6.77 16.30
N ASN A 45 16.54 6.76 16.32
CA ASN A 45 17.84 7.41 16.37
CA ASN A 45 17.82 7.47 16.42
C ASN A 45 18.88 6.44 16.92
C ASN A 45 18.92 6.63 17.09
N GLN A 46 18.54 5.75 18.01
CA GLN A 46 19.48 4.86 18.69
C GLN A 46 19.69 3.55 17.94
N ALA A 47 18.68 3.10 17.23
CA ALA A 47 18.73 1.77 16.61
C ALA A 47 19.41 1.77 15.24
N SER A 48 19.64 2.96 14.68
CA SER A 48 20.12 3.06 13.31
C SER A 48 21.30 4.01 13.19
N ASP A 49 22.13 3.78 12.17
CA ASP A 49 23.24 4.69 11.84
C ASP A 49 22.87 5.86 10.93
N LEU A 50 21.58 6.07 10.69
CA LEU A 50 21.15 7.17 9.83
C LEU A 50 21.65 8.51 10.37
N ASP A 51 22.07 9.41 9.48
CA ASP A 51 22.44 10.76 9.92
C ASP A 51 21.17 11.56 10.24
N SER A 52 21.34 12.73 10.85
CA SER A 52 20.20 13.54 11.28
C SER A 52 19.23 13.87 10.12
N GLU A 53 19.75 14.22 8.94
CA GLU A 53 18.87 14.50 7.80
C GLU A 53 18.04 13.26 7.40
N GLU A 54 18.68 12.09 7.37
CA GLU A 54 18.02 10.85 7.01
C GLU A 54 16.97 10.43 8.04
N VAL A 55 17.30 10.57 9.32
CA VAL A 55 16.34 10.27 10.38
C VAL A 55 15.10 11.15 10.27
N ALA A 56 15.30 12.45 10.07
CA ALA A 56 14.20 13.39 9.86
C ALA A 56 13.37 13.00 8.63
N GLU A 57 14.02 12.48 7.58
CA GLU A 57 13.32 12.03 6.36
C GLU A 57 12.40 10.84 6.64
N VAL A 58 12.84 9.91 7.50
CA VAL A 58 11.98 8.80 7.90
C VAL A 58 10.80 9.27 8.74
N LEU A 59 11.06 10.19 9.66
CA LEU A 59 10.02 10.60 10.60
C LEU A 59 9.09 11.69 10.08
N LYS A 60 9.48 12.39 9.02
CA LYS A 60 8.64 13.43 8.43
C LYS A 60 7.29 12.82 8.07
N PRO A 61 6.20 13.38 8.61
CA PRO A 61 4.89 12.84 8.24
C PRO A 61 4.60 13.13 6.78
N THR A 62 4.30 12.08 6.06
CA THR A 62 4.07 12.17 4.63
C THR A 62 2.62 12.58 4.36
N SER A 63 1.72 12.16 5.23
CA SER A 63 0.27 12.29 5.02
C SER A 63 -0.44 12.22 6.37
N ALA A 64 -1.64 12.78 6.45
CA ALA A 64 -2.53 12.56 7.60
C ALA A 64 -3.10 11.13 7.63
N TYR A 65 -3.06 10.44 6.50
CA TYR A 65 -3.61 9.07 6.40
C TYR A 65 -2.50 8.13 6.05
N ALA A 66 -2.19 7.23 6.98
CA ALA A 66 -1.10 6.27 6.83
C ALA A 66 -1.54 5.05 6.04
N THR A 67 -1.16 5.01 4.77
CA THR A 67 -1.45 3.87 3.90
C THR A 67 -0.16 3.51 3.18
N PRO A 68 -0.10 2.31 2.59
CA PRO A 68 0.99 2.04 1.64
C PRO A 68 0.99 3.09 0.53
N LEU A 69 2.19 3.44 0.08
CA LEU A 69 2.35 4.45 -0.96
C LEU A 69 2.38 3.85 -2.36
N MET A 70 2.04 4.65 -3.36
N MET A 70 2.12 4.66 -3.35
CA MET A 70 2.09 4.22 -4.76
CA MET A 70 2.05 4.20 -4.72
C MET A 70 3.50 4.32 -5.35
C MET A 70 3.40 4.35 -5.45
N ASP A 71 3.93 3.24 -5.98
CA ASP A 71 5.07 3.26 -6.90
C ASP A 71 4.58 2.65 -8.20
N VAL A 72 4.97 3.26 -9.31
CA VAL A 72 4.61 2.75 -10.65
C VAL A 72 5.85 2.42 -11.46
N ARG A 73 5.78 1.35 -12.23
CA ARG A 73 6.90 0.90 -13.05
C ARG A 73 6.38 0.47 -14.40
N ALA A 74 7.25 0.61 -15.42
CA ALA A 74 6.94 0.22 -16.79
C ALA A 74 7.77 -0.97 -17.22
N TRP A 75 7.08 -1.95 -17.79
CA TRP A 75 7.68 -3.14 -18.38
C TRP A 75 7.54 -3.03 -19.89
N ILE A 76 8.67 -2.72 -20.53
CA ILE A 76 8.73 -2.45 -21.97
C ILE A 76 9.67 -3.48 -22.58
N VAL A 77 9.12 -4.33 -23.45
CA VAL A 77 9.93 -5.38 -24.10
C VAL A 77 10.05 -5.12 -25.60
N GLU A 78 11.29 -5.11 -26.09
CA GLU A 78 11.56 -4.98 -27.52
C GLU A 78 12.62 -6.01 -27.88
N ASP A 79 12.34 -6.78 -28.93
CA ASP A 79 13.28 -7.81 -29.39
C ASP A 79 13.63 -8.73 -28.21
N GLU A 80 12.60 -9.04 -27.40
CA GLU A 80 12.71 -9.97 -26.26
C GLU A 80 13.65 -9.48 -25.14
N LYS A 81 13.92 -8.18 -25.13
CA LYS A 81 14.82 -7.58 -24.15
C LYS A 81 14.00 -6.55 -23.38
N ILE A 82 14.44 -6.25 -22.16
N ILE A 82 14.36 -6.31 -22.13
N ILE A 82 14.41 -6.29 -22.14
CA ILE A 82 13.71 -5.40 -21.23
CA ILE A 82 13.58 -5.38 -21.30
CA ILE A 82 13.69 -5.40 -21.22
C ILE A 82 14.36 -4.03 -21.11
C ILE A 82 14.31 -4.05 -21.09
C ILE A 82 14.35 -4.03 -21.10
N CYS A 83 13.55 -2.98 -21.15
CA CYS A 83 14.07 -1.62 -21.00
C CYS A 83 14.42 -1.32 -19.54
N LEU A 84 15.65 -0.94 -19.27
CA LEU A 84 16.05 -0.47 -17.95
C LEU A 84 16.73 0.88 -18.06
N VAL A 85 16.57 1.70 -17.03
CA VAL A 85 17.21 3.00 -16.97
C VAL A 85 18.13 3.11 -15.78
N ARG A 86 19.16 3.95 -15.92
CA ARG A 86 20.11 4.21 -14.83
C ARG A 86 20.05 5.68 -14.48
N GLY A 87 19.75 5.97 -13.21
CA GLY A 87 19.65 7.37 -12.77
C GLY A 87 20.98 8.09 -12.74
N GLN A 88 20.96 9.40 -12.92
CA GLN A 88 22.14 10.22 -12.66
C GLN A 88 22.64 10.02 -11.24
N GLY A 89 23.96 9.91 -11.10
CA GLY A 89 24.58 9.68 -9.79
C GLY A 89 24.45 8.27 -9.24
N GLU A 90 23.97 7.35 -10.06
N GLU A 90 23.98 7.35 -10.07
CA GLU A 90 23.74 5.97 -9.63
CA GLU A 90 23.73 5.98 -9.66
C GLU A 90 24.42 4.97 -10.55
C GLU A 90 24.43 4.98 -10.55
N ASP A 91 24.77 3.81 -10.00
CA ASP A 91 25.46 2.78 -10.75
C ASP A 91 24.56 1.63 -11.18
N SER A 92 23.31 1.63 -10.71
CA SER A 92 22.43 0.49 -10.92
C SER A 92 21.17 0.85 -11.69
N TRP A 93 20.43 -0.18 -12.09
CA TRP A 93 19.40 -0.05 -13.11
C TRP A 93 18.06 -0.45 -12.56
N ALA A 94 17.00 0.15 -13.11
CA ALA A 94 15.63 -0.23 -12.73
C ALA A 94 14.68 -0.05 -13.89
N LEU A 95 13.46 -0.60 -13.76
CA LEU A 95 12.41 -0.30 -14.73
C LEU A 95 12.05 1.17 -14.61
N PRO A 96 11.71 1.84 -15.74
CA PRO A 96 11.25 3.24 -15.63
C PRO A 96 10.06 3.34 -14.69
N GLY A 97 9.97 4.46 -13.99
CA GLY A 97 8.85 4.73 -13.08
C GLY A 97 9.28 5.57 -11.90
N GLY A 98 8.55 5.43 -10.81
CA GLY A 98 8.78 6.27 -9.63
C GLY A 98 7.50 6.33 -8.82
N PHE A 99 7.48 7.19 -7.81
CA PHE A 99 6.29 7.28 -6.99
C PHE A 99 5.11 7.84 -7.80
N GLY A 100 3.91 7.41 -7.44
CA GLY A 100 2.66 7.94 -8.03
C GLY A 100 2.38 9.32 -7.50
N GLU A 101 2.22 10.28 -8.40
CA GLU A 101 1.96 11.66 -8.02
C GLU A 101 0.48 11.92 -7.89
N VAL A 102 0.12 12.70 -6.89
CA VAL A 102 -1.24 13.15 -6.73
C VAL A 102 -1.64 14.04 -7.91
N GLY A 103 -2.84 13.83 -8.43
CA GLY A 103 -3.35 14.61 -9.55
C GLY A 103 -3.36 13.89 -10.88
N TYR A 104 -2.77 12.70 -10.89
CA TYR A 104 -2.75 11.83 -12.08
C TYR A 104 -3.30 10.47 -11.69
N SER A 105 -3.91 9.78 -12.65
CA SER A 105 -4.39 8.41 -12.42
C SER A 105 -3.19 7.44 -12.42
N PRO A 106 -3.41 6.16 -12.09
CA PRO A 106 -2.26 5.27 -12.08
C PRO A 106 -1.64 5.11 -13.46
N THR A 107 -2.47 4.96 -14.50
CA THR A 107 -1.89 4.85 -15.84
C THR A 107 -1.28 6.18 -16.29
N GLU A 108 -1.92 7.30 -15.95
CA GLU A 108 -1.37 8.60 -16.31
C GLU A 108 -0.01 8.80 -15.65
N ASN A 109 0.13 8.34 -14.42
CA ASN A 109 1.41 8.44 -13.72
C ASN A 109 2.51 7.67 -14.44
N ILE A 110 2.25 6.43 -14.86
CA ILE A 110 3.33 5.69 -15.51
C ILE A 110 3.66 6.29 -16.88
N LEU A 111 2.65 6.76 -17.61
CA LEU A 111 2.94 7.37 -18.91
C LEU A 111 3.76 8.64 -18.76
N LYS A 112 3.44 9.45 -17.76
CA LYS A 112 4.19 10.67 -17.49
C LYS A 112 5.64 10.34 -17.18
N GLU A 113 5.86 9.35 -16.32
CA GLU A 113 7.22 8.99 -15.93
C GLU A 113 7.98 8.35 -17.06
N ILE A 114 7.33 7.52 -17.87
CA ILE A 114 7.99 7.00 -19.09
C ILE A 114 8.48 8.17 -19.98
N GLU A 115 7.62 9.15 -20.21
CA GLU A 115 8.02 10.24 -21.14
C GLU A 115 9.16 11.05 -20.53
N GLU A 116 9.07 11.37 -19.25
CA GLU A 116 10.07 12.20 -18.58
C GLU A 116 11.43 11.52 -18.52
N GLU A 117 11.43 10.21 -18.31
CA GLU A 117 12.65 9.46 -18.12
C GLU A 117 13.23 8.92 -19.44
N THR A 118 12.38 8.38 -20.30
CA THR A 118 12.88 7.70 -21.50
C THR A 118 12.86 8.57 -22.75
N GLY A 119 12.05 9.63 -22.75
CA GLY A 119 11.91 10.51 -23.90
C GLY A 119 10.83 10.03 -24.87
N PHE A 120 10.10 8.99 -24.50
CA PHE A 120 9.09 8.40 -25.38
C PHE A 120 7.65 8.53 -24.89
N LYS A 121 6.75 8.78 -25.83
CA LYS A 121 5.32 8.57 -25.60
C LYS A 121 5.13 7.07 -25.51
N ALA A 122 4.05 6.64 -24.88
CA ALA A 122 3.83 5.21 -24.69
C ALA A 122 2.35 4.89 -24.57
N LYS A 123 2.05 3.59 -24.57
N LYS A 123 2.05 3.59 -24.52
CA LYS A 123 0.72 3.04 -24.38
CA LYS A 123 0.71 3.09 -24.34
C LYS A 123 0.83 2.07 -23.21
C LYS A 123 0.72 1.97 -23.30
N VAL A 124 -0.16 2.09 -22.32
CA VAL A 124 -0.31 1.04 -21.29
C VAL A 124 -1.13 -0.09 -21.89
N GLU A 125 -0.56 -1.28 -21.90
CA GLU A 125 -1.23 -2.46 -22.44
C GLU A 125 -1.95 -3.29 -21.37
N ARG A 126 -1.34 -3.45 -20.19
CA ARG A 126 -1.98 -4.22 -19.12
C ARG A 126 -1.23 -4.00 -17.83
N LEU A 127 -1.84 -4.38 -16.72
CA LEU A 127 -1.16 -4.43 -15.43
C LEU A 127 -0.60 -5.83 -15.26
N LEU A 128 0.71 -5.97 -15.07
CA LEU A 128 1.33 -7.28 -14.91
C LEU A 128 1.39 -7.74 -13.46
N ALA A 129 1.59 -6.80 -12.52
CA ALA A 129 1.80 -7.17 -11.12
C ALA A 129 1.49 -6.01 -10.24
N VAL A 130 1.06 -6.34 -9.02
CA VAL A 130 1.10 -5.37 -7.91
C VAL A 130 1.92 -6.02 -6.80
N PHE A 131 3.16 -5.55 -6.64
CA PHE A 131 4.08 -6.10 -5.63
C PHE A 131 4.02 -5.32 -4.31
N ASP A 132 4.20 -6.06 -3.23
CA ASP A 132 4.37 -5.47 -1.88
C ASP A 132 5.87 -5.29 -1.66
N THR A 133 6.32 -4.04 -1.52
CA THR A 133 7.77 -3.85 -1.27
C THR A 133 8.24 -4.44 0.05
N ASN A 134 7.33 -4.60 1.00
CA ASN A 134 7.75 -5.24 2.26
C ASN A 134 8.17 -6.68 2.04
N ARG A 135 7.64 -7.31 1.00
CA ARG A 135 8.04 -8.69 0.64
C ARG A 135 9.35 -8.73 -0.13
N PHE A 136 9.49 -7.89 -1.13
CA PHE A 136 10.60 -8.03 -2.10
C PHE A 136 11.78 -7.12 -1.87
N GLN A 137 11.56 -5.96 -1.26
CA GLN A 137 12.61 -4.98 -1.09
C GLN A 137 12.24 -4.08 0.09
N LEU A 138 12.26 -4.68 1.27
CA LEU A 138 11.84 -3.99 2.47
C LEU A 138 12.59 -2.68 2.64
N GLN A 139 11.85 -1.64 3.02
CA GLN A 139 12.41 -0.30 3.19
C GLN A 139 11.51 0.49 4.14
N SER A 140 11.93 1.71 4.49
CA SER A 140 11.24 2.45 5.55
C SER A 140 9.74 2.63 5.24
N LYS A 141 9.41 2.91 3.97
CA LYS A 141 8.02 3.01 3.57
C LYS A 141 7.60 1.75 2.87
N GLN A 142 6.34 1.36 3.10
CA GLN A 142 5.71 0.30 2.32
C GLN A 142 5.05 0.88 1.08
N TYR A 143 5.34 0.31 -0.09
CA TYR A 143 4.71 0.67 -1.35
C TYR A 143 3.92 -0.49 -1.93
N THR A 144 2.82 -0.13 -2.59
CA THR A 144 2.21 -0.99 -3.62
C THR A 144 2.84 -0.62 -4.95
N LYS A 145 3.59 -1.57 -5.50
CA LYS A 145 4.38 -1.33 -6.69
C LYS A 145 3.64 -1.92 -7.90
N PHE A 146 3.02 -1.04 -8.66
CA PHE A 146 2.28 -1.42 -9.89
C PHE A 146 3.31 -1.56 -11.00
N VAL A 147 3.29 -2.68 -11.72
CA VAL A 147 4.13 -2.82 -12.90
C VAL A 147 3.23 -3.01 -14.10
N PHE A 148 3.24 -2.01 -14.99
CA PHE A 148 2.41 -1.99 -16.18
C PHE A 148 3.19 -2.43 -17.39
N GLY A 149 2.64 -3.36 -18.16
CA GLY A 149 3.20 -3.66 -19.48
C GLY A 149 2.87 -2.53 -20.44
N CYS A 150 3.90 -1.94 -21.04
CA CYS A 150 3.74 -0.76 -21.90
C CYS A 150 4.49 -0.92 -23.21
N LYS A 151 4.00 -0.20 -24.22
CA LYS A 151 4.65 -0.15 -25.53
C LYS A 151 5.07 1.29 -25.81
N LEU A 152 6.31 1.49 -26.26
CA LEU A 152 6.80 2.82 -26.61
C LEU A 152 6.29 3.23 -27.99
N LEU A 153 5.99 4.52 -28.13
CA LEU A 153 5.51 5.09 -29.39
C LEU A 153 6.57 6.07 -29.93
N ASP A 154 6.20 7.31 -30.26
CA ASP A 154 7.17 8.28 -30.78
C ASP A 154 8.08 8.86 -29.70
N GLY A 155 9.30 9.19 -30.08
CA GLY A 155 10.23 9.90 -29.20
C GLY A 155 11.67 9.49 -29.43
N GLN A 156 12.50 9.81 -28.44
CA GLN A 156 13.94 9.58 -28.52
C GLN A 156 14.53 9.72 -27.12
N PHE A 157 15.40 8.79 -26.74
CA PHE A 157 16.08 8.92 -25.47
C PHE A 157 17.13 10.03 -25.52
N GLN A 158 17.09 10.92 -24.53
CA GLN A 158 18.16 11.87 -24.34
C GLN A 158 18.50 11.88 -22.86
N GLU A 159 19.78 11.72 -22.56
CA GLU A 159 20.26 11.88 -21.21
C GLU A 159 19.73 13.19 -20.63
N ASN A 160 19.26 13.16 -19.39
CA ASN A 160 18.73 14.36 -18.75
C ASN A 160 19.11 14.43 -17.26
N GLN A 161 18.54 15.38 -16.53
CA GLN A 161 18.96 15.60 -15.14
C GLN A 161 18.60 14.41 -14.25
N GLU A 162 17.60 13.65 -14.67
CA GLU A 162 17.15 12.47 -13.92
C GLU A 162 17.84 11.17 -14.33
N ILE A 163 17.97 10.96 -15.64
CA ILE A 163 18.38 9.67 -16.20
C ILE A 163 19.69 9.77 -16.99
N ALA A 164 20.67 8.97 -16.59
CA ALA A 164 21.98 8.91 -17.26
C ALA A 164 21.98 8.03 -18.50
N ASP A 165 21.25 6.92 -18.46
CA ASP A 165 21.31 5.96 -19.56
C ASP A 165 20.06 5.11 -19.62
N LEU A 166 19.78 4.60 -20.81
CA LEU A 166 18.68 3.70 -21.08
C LEU A 166 19.20 2.64 -22.02
N GLN A 167 19.00 1.39 -21.64
CA GLN A 167 19.36 0.27 -22.50
C GLN A 167 18.36 -0.85 -22.39
N PHE A 168 18.39 -1.76 -23.36
CA PHE A 168 17.60 -2.98 -23.33
C PHE A 168 18.48 -4.17 -22.99
N PHE A 169 17.97 -5.04 -22.12
CA PHE A 169 18.75 -6.18 -21.60
C PHE A 169 18.00 -7.49 -21.77
N ALA A 170 18.72 -8.54 -22.14
CA ALA A 170 18.14 -9.88 -22.15
C ALA A 170 17.78 -10.31 -20.73
N ILE A 171 16.72 -11.11 -20.62
CA ILE A 171 16.22 -11.66 -19.35
C ILE A 171 17.32 -12.37 -18.56
N ASP A 172 18.24 -13.02 -19.29
CA ASP A 172 19.35 -13.77 -18.68
C ASP A 172 20.69 -13.02 -18.68
N GLN A 173 20.65 -11.73 -18.99
CA GLN A 173 21.85 -10.89 -18.99
C GLN A 173 21.55 -9.56 -18.31
N LEU A 174 20.95 -9.64 -17.12
CA LEU A 174 20.56 -8.44 -16.41
C LEU A 174 21.75 -7.77 -15.77
N PRO A 175 21.73 -6.42 -15.73
CA PRO A 175 22.80 -5.68 -15.10
C PRO A 175 22.59 -5.60 -13.57
N ASN A 176 23.44 -4.84 -12.89
N ASN A 176 23.46 -4.83 -12.93
CA ASN A 176 23.25 -4.63 -11.46
CA ASN A 176 23.30 -4.47 -11.53
C ASN A 176 22.05 -3.72 -11.21
C ASN A 176 21.94 -3.77 -11.39
N LEU A 177 21.09 -4.29 -10.50
CA LEU A 177 19.78 -3.68 -10.30
C LEU A 177 19.72 -2.81 -9.06
N SER A 178 18.91 -1.77 -9.15
CA SER A 178 18.60 -0.93 -7.99
C SER A 178 17.49 -1.66 -7.23
N GLU A 179 17.87 -2.49 -6.27
CA GLU A 179 16.97 -3.47 -5.70
C GLU A 179 15.80 -2.88 -4.93
N LYS A 180 15.95 -1.67 -4.39
CA LYS A 180 14.83 -1.01 -3.71
C LYS A 180 13.74 -0.63 -4.70
N ARG A 181 14.07 -0.62 -5.99
CA ARG A 181 13.13 -0.30 -7.07
C ARG A 181 12.64 -1.50 -7.85
N ILE A 182 13.52 -2.47 -8.08
CA ILE A 182 13.15 -3.71 -8.77
C ILE A 182 14.21 -4.75 -8.48
N THR A 183 13.79 -5.99 -8.30
CA THR A 183 14.74 -7.08 -8.05
C THR A 183 14.76 -8.06 -9.22
N LYS A 184 15.79 -8.90 -9.26
CA LYS A 184 15.88 -9.94 -10.28
C LYS A 184 14.70 -10.90 -10.20
N GLU A 185 14.31 -11.26 -8.98
CA GLU A 185 13.18 -12.14 -8.80
C GLU A 185 11.90 -11.52 -9.39
N GLN A 186 11.71 -10.23 -9.16
CA GLN A 186 10.53 -9.58 -9.72
C GLN A 186 10.59 -9.57 -11.24
N ILE A 187 11.77 -9.26 -11.81
CA ILE A 187 11.92 -9.25 -13.27
C ILE A 187 11.60 -10.62 -13.85
N GLU A 188 12.06 -11.67 -13.17
CA GLU A 188 11.79 -13.03 -13.64
C GLU A 188 10.30 -13.38 -13.58
N LEU A 189 9.64 -13.01 -12.49
N LEU A 189 9.62 -13.00 -12.50
CA LEU A 189 8.19 -13.17 -12.35
CA LEU A 189 8.17 -13.21 -12.39
C LEU A 189 7.45 -12.43 -13.46
C LEU A 189 7.42 -12.43 -13.46
N LEU A 190 7.83 -11.17 -13.66
CA LEU A 190 7.21 -10.34 -14.69
C LEU A 190 7.34 -10.92 -16.09
N TRP A 191 8.49 -11.51 -16.38
CA TRP A 191 8.68 -12.16 -17.66
C TRP A 191 7.71 -13.30 -17.87
N GLN A 192 7.50 -14.10 -16.82
CA GLN A 192 6.54 -15.19 -16.90
C GLN A 192 5.10 -14.69 -17.10
N VAL A 193 4.71 -13.62 -16.40
CA VAL A 193 3.38 -13.04 -16.61
C VAL A 193 3.24 -12.47 -18.04
N TYR A 194 4.27 -11.74 -18.45
CA TYR A 194 4.29 -11.09 -19.76
C TYR A 194 4.13 -12.12 -20.90
N GLN A 195 4.80 -13.27 -20.75
N GLN A 195 4.77 -13.27 -20.77
CA GLN A 195 4.76 -14.33 -21.76
CA GLN A 195 4.67 -14.29 -21.81
C GLN A 195 3.51 -15.22 -21.62
C GLN A 195 3.37 -15.07 -21.76
N GLY A 196 2.60 -14.88 -20.70
CA GLY A 196 1.34 -15.60 -20.53
C GLY A 196 1.49 -16.98 -19.91
N HIS A 197 2.60 -17.22 -19.23
CA HIS A 197 2.84 -18.50 -18.57
C HIS A 197 2.16 -18.57 -17.23
N ARG A 198 1.71 -17.41 -16.73
CA ARG A 198 0.93 -17.36 -15.50
C ARG A 198 0.14 -16.07 -15.55
N GLY A 199 -0.85 -15.94 -14.68
CA GLY A 199 -1.67 -14.75 -14.61
C GLY A 199 -1.00 -13.63 -13.83
N GLN A 200 -1.70 -12.51 -13.80
CA GLN A 200 -1.30 -11.34 -13.04
C GLN A 200 -0.81 -11.68 -11.62
N TYR A 201 0.31 -11.10 -11.23
CA TYR A 201 0.86 -11.31 -9.89
C TYR A 201 0.29 -10.30 -8.90
N LEU A 202 -0.25 -10.78 -7.79
CA LEU A 202 -0.76 -9.91 -6.73
C LEU A 202 -0.27 -10.38 -5.37
N ASP A 203 0.38 -9.49 -4.64
CA ASP A 203 0.67 -9.79 -3.23
C ASP A 203 -0.55 -9.54 -2.34
N MET B 1 22.49 -0.93 18.79
CA MET B 1 21.75 -0.64 20.05
C MET B 1 21.80 -1.89 20.89
N LYS B 2 22.04 -1.72 22.18
CA LYS B 2 22.05 -2.83 23.11
C LYS B 2 20.65 -3.22 23.57
N THR B 3 20.51 -4.49 23.94
CA THR B 3 19.26 -5.02 24.46
C THR B 3 18.67 -4.15 25.57
N SER B 4 19.49 -3.71 26.51
CA SER B 4 18.96 -2.93 27.62
C SER B 4 18.35 -1.60 27.17
N ASP B 5 18.94 -0.97 26.15
CA ASP B 5 18.36 0.26 25.63
C ASP B 5 17.06 0.02 24.87
N PHE B 6 16.99 -1.12 24.17
CA PHE B 6 15.79 -1.51 23.46
C PHE B 6 14.67 -1.74 24.46
N VAL B 7 14.97 -2.49 25.53
CA VAL B 7 14.01 -2.76 26.60
C VAL B 7 13.49 -1.43 27.20
N LYS B 8 14.37 -0.47 27.41
CA LYS B 8 13.99 0.83 27.94
C LYS B 8 12.90 1.48 27.06
N TYR B 9 13.13 1.51 25.75
CA TYR B 9 12.18 2.17 24.85
C TYR B 9 10.87 1.40 24.83
N LEU B 10 10.96 0.08 24.78
CA LEU B 10 9.76 -0.73 24.74
C LEU B 10 8.91 -0.55 26.00
N GLN B 11 9.55 -0.56 27.17
CA GLN B 11 8.81 -0.40 28.41
C GLN B 11 8.17 0.97 28.52
N ARG B 12 8.85 2.02 28.02
CA ARG B 12 8.28 3.35 28.04
C ARG B 12 7.04 3.43 27.13
N MET B 13 7.12 2.77 25.98
CA MET B 13 5.97 2.74 25.08
C MET B 13 4.83 1.90 25.62
N ILE B 14 5.16 0.77 26.26
CA ILE B 14 4.15 -0.05 26.90
C ILE B 14 3.42 0.74 27.99
N ALA B 15 4.15 1.52 28.79
CA ALA B 15 3.50 2.35 29.82
C ALA B 15 2.42 3.25 29.25
N ILE B 16 2.74 3.94 28.15
CA ILE B 16 1.78 4.84 27.54
C ILE B 16 0.61 4.06 26.97
N THR B 17 0.89 2.95 26.30
CA THR B 17 -0.15 2.13 25.70
C THR B 17 -1.10 1.60 26.77
N ASP B 18 -0.54 1.14 27.89
CA ASP B 18 -1.37 0.66 29.00
C ASP B 18 -2.26 1.76 29.56
N THR B 19 -1.74 2.96 29.64
N THR B 19 -1.79 3.00 29.63
CA THR B 19 -2.52 4.09 30.06
CA THR B 19 -2.64 4.11 30.08
C THR B 19 -3.72 4.25 29.10
C THR B 19 -3.75 4.41 29.07
N GLY B 20 -3.47 4.18 27.79
CA GLY B 20 -4.53 4.28 26.79
C GLY B 20 -5.57 3.20 26.99
N LEU B 21 -5.13 1.96 27.21
CA LEU B 21 -6.05 0.86 27.43
C LEU B 21 -6.94 1.07 28.66
N THR B 22 -6.40 1.68 29.71
CA THR B 22 -7.23 1.95 30.90
C THR B 22 -8.19 3.10 30.64
N PHE B 23 -7.69 4.20 30.09
CA PHE B 23 -8.42 5.47 30.16
C PHE B 23 -9.22 5.87 28.93
N THR B 24 -8.88 5.36 27.75
CA THR B 24 -9.61 5.84 26.58
C THR B 24 -11.10 5.47 26.64
N LYS B 25 -11.92 6.35 26.07
CA LYS B 25 -13.38 6.15 26.03
C LYS B 25 -13.85 5.85 24.62
N ASP B 26 -12.92 5.79 23.67
CA ASP B 26 -13.26 5.66 22.25
C ASP B 26 -12.87 4.24 21.80
N PRO B 27 -13.81 3.47 21.24
CA PRO B 27 -13.48 2.10 20.85
C PRO B 27 -12.41 1.97 19.75
N PHE B 28 -12.27 2.99 18.91
CA PHE B 28 -11.29 2.93 17.85
C PHE B 28 -9.89 3.26 18.39
N ASP B 29 -9.82 4.15 19.36
CA ASP B 29 -8.55 4.33 20.12
C ASP B 29 -8.21 3.04 20.85
N ARG B 30 -9.20 2.38 21.48
CA ARG B 30 -8.92 1.16 22.20
C ARG B 30 -8.33 0.12 21.27
N GLU B 31 -8.91 -0.03 20.08
CA GLU B 31 -8.38 -0.99 19.10
C GLU B 31 -6.92 -0.69 18.74
N ARG B 32 -6.60 0.58 18.52
CA ARG B 32 -5.21 0.97 18.24
C ARG B 32 -4.28 0.63 19.40
N TYR B 33 -4.69 0.92 20.64
CA TYR B 33 -3.85 0.59 21.78
C TYR B 33 -3.70 -0.92 21.95
N GLU B 34 -4.75 -1.68 21.66
CA GLU B 34 -4.63 -3.14 21.71
C GLU B 34 -3.62 -3.66 20.67
N ASP B 35 -3.65 -3.07 19.48
CA ASP B 35 -2.74 -3.44 18.40
C ASP B 35 -1.32 -3.10 18.82
N LEU B 36 -1.11 -1.86 19.27
CA LEU B 36 0.20 -1.42 19.77
C LEU B 36 0.70 -2.31 20.90
N ARG B 37 -0.18 -2.64 21.85
CA ARG B 37 0.26 -3.44 23.01
C ARG B 37 0.68 -4.84 22.58
N SER B 38 -0.04 -5.42 21.62
N SER B 38 -0.03 -5.42 21.62
CA SER B 38 0.31 -6.75 21.11
CA SER B 38 0.30 -6.75 21.10
C SER B 38 1.69 -6.71 20.42
C SER B 38 1.64 -6.74 20.36
N LEU B 39 1.90 -5.70 19.58
CA LEU B 39 3.19 -5.55 18.88
C LEU B 39 4.33 -5.37 19.88
N LEU B 40 4.12 -4.46 20.84
CA LEU B 40 5.16 -4.15 21.82
C LEU B 40 5.50 -5.37 22.67
N SER B 41 4.51 -6.17 23.03
N SER B 41 4.48 -6.16 23.01
CA SER B 41 4.75 -7.38 23.81
CA SER B 41 4.63 -7.41 23.77
C SER B 41 5.60 -8.36 23.01
C SER B 41 5.51 -8.43 23.03
N GLU B 42 5.30 -8.54 21.72
CA GLU B 42 6.10 -9.43 20.87
C GLU B 42 7.52 -8.90 20.78
N MET B 43 7.65 -7.58 20.59
CA MET B 43 8.97 -6.97 20.51
C MET B 43 9.79 -7.20 21.78
N LEU B 44 9.16 -7.06 22.94
CA LEU B 44 9.85 -7.26 24.20
C LEU B 44 10.32 -8.71 24.33
N ASN B 45 9.49 -9.66 23.91
CA ASN B 45 9.87 -11.08 23.92
C ASN B 45 11.09 -11.34 23.03
N GLN B 46 11.22 -10.55 21.97
CA GLN B 46 12.29 -10.71 20.99
C GLN B 46 13.47 -9.77 21.24
N ALA B 47 13.45 -9.03 22.35
CA ALA B 47 14.44 -7.97 22.54
C ALA B 47 15.86 -8.51 22.47
N SER B 48 16.70 -7.79 21.75
CA SER B 48 18.10 -8.18 21.55
C SER B 48 18.88 -6.97 21.12
N ASP B 49 20.17 -7.16 20.90
CA ASP B 49 20.97 -6.15 20.26
C ASP B 49 20.44 -5.98 18.84
N LEU B 50 20.59 -4.79 18.30
CA LEU B 50 20.28 -4.52 16.90
C LEU B 50 21.52 -4.02 16.21
N ASP B 51 21.73 -4.49 14.98
CA ASP B 51 22.84 -4.04 14.15
C ASP B 51 22.42 -2.73 13.50
N SER B 52 22.92 -1.62 14.01
CA SER B 52 22.46 -0.30 13.59
C SER B 52 22.87 0.09 12.16
N GLU B 53 23.95 -0.50 11.67
CA GLU B 53 24.33 -0.34 10.25
C GLU B 53 23.32 -1.06 9.34
N GLU B 54 22.98 -2.30 9.68
CA GLU B 54 21.98 -3.07 8.94
C GLU B 54 20.60 -2.40 8.98
N VAL B 55 20.21 -1.93 10.15
CA VAL B 55 18.94 -1.21 10.27
C VAL B 55 18.89 -0.03 9.29
N ALA B 56 19.93 0.79 9.28
CA ALA B 56 19.99 1.94 8.37
C ALA B 56 19.88 1.50 6.90
N GLU B 57 20.59 0.44 6.50
N GLU B 57 20.64 0.47 6.54
CA GLU B 57 20.54 -0.02 5.11
CA GLU B 57 20.62 -0.14 5.21
C GLU B 57 19.18 -0.62 4.71
C GLU B 57 19.17 -0.47 4.80
N VAL B 58 18.50 -1.27 5.63
CA VAL B 58 17.13 -1.72 5.35
C VAL B 58 16.16 -0.54 5.25
N LEU B 59 16.33 0.47 6.09
CA LEU B 59 15.42 1.60 6.09
C LEU B 59 15.50 2.43 4.81
N LYS B 60 16.68 2.53 4.22
CA LYS B 60 16.83 3.35 3.02
C LYS B 60 16.03 2.80 1.83
N PRO B 61 15.51 3.70 0.95
CA PRO B 61 15.61 5.15 1.02
C PRO B 61 14.72 5.74 2.10
N THR B 62 15.20 6.82 2.69
CA THR B 62 14.50 7.52 3.75
C THR B 62 13.53 8.60 3.24
N SER B 63 13.86 9.18 2.09
N SER B 63 13.84 9.17 2.09
N SER B 63 13.84 9.18 2.09
CA SER B 63 12.99 10.20 1.48
CA SER B 63 13.00 10.20 1.48
CA SER B 63 12.99 10.21 1.51
C SER B 63 11.69 9.56 1.02
C SER B 63 11.70 9.59 0.98
C SER B 63 11.70 9.58 1.00
N ALA B 64 10.59 10.23 1.30
CA ALA B 64 9.27 9.76 0.87
C ALA B 64 8.41 10.96 0.49
N TYR B 65 7.59 10.76 -0.53
CA TYR B 65 6.69 11.81 -1.00
C TYR B 65 5.27 11.31 -0.93
N ALA B 66 4.33 12.23 -0.71
CA ALA B 66 2.92 11.89 -0.73
C ALA B 66 2.48 11.35 -2.10
N THR B 67 1.64 10.33 -2.01
CA THR B 67 1.03 9.72 -3.20
C THR B 67 -0.47 9.65 -2.98
N PRO B 68 -1.23 9.28 -4.03
CA PRO B 68 -2.63 8.97 -3.74
C PRO B 68 -2.75 7.91 -2.63
N LEU B 69 -3.84 7.94 -1.91
CA LEU B 69 -4.07 7.05 -0.78
C LEU B 69 -4.65 5.71 -1.22
N MET B 70 -4.29 4.65 -0.52
CA MET B 70 -4.81 3.33 -0.88
C MET B 70 -6.18 3.08 -0.27
N ASP B 71 -7.14 2.69 -1.10
CA ASP B 71 -8.45 2.21 -0.68
C ASP B 71 -8.66 0.83 -1.27
N VAL B 72 -9.21 -0.09 -0.48
CA VAL B 72 -9.50 -1.45 -0.96
C VAL B 72 -10.98 -1.72 -0.82
N ARG B 73 -11.53 -2.43 -1.79
CA ARG B 73 -12.95 -2.80 -1.80
C ARG B 73 -13.10 -4.24 -2.23
N ALA B 74 -14.16 -4.87 -1.73
CA ALA B 74 -14.50 -6.27 -2.05
C ALA B 74 -15.77 -6.35 -2.89
N TRP B 75 -15.68 -7.10 -3.98
CA TRP B 75 -16.80 -7.38 -4.87
C TRP B 75 -17.20 -8.80 -4.63
N ILE B 76 -18.33 -8.98 -3.98
CA ILE B 76 -18.81 -10.32 -3.56
C ILE B 76 -20.21 -10.50 -4.14
N VAL B 77 -20.36 -11.49 -5.02
CA VAL B 77 -21.64 -11.74 -5.70
C VAL B 77 -22.18 -13.08 -5.21
N GLU B 78 -23.42 -13.08 -4.74
CA GLU B 78 -24.10 -14.32 -4.35
C GLU B 78 -25.50 -14.22 -4.91
N ASP B 79 -25.94 -15.28 -5.60
N ASP B 79 -25.93 -15.26 -5.63
CA ASP B 79 -27.25 -15.35 -6.26
CA ASP B 79 -27.27 -15.32 -6.23
C ASP B 79 -27.50 -14.11 -7.12
C ASP B 79 -27.51 -14.10 -7.12
N GLU B 80 -26.47 -13.71 -7.87
CA GLU B 80 -26.53 -12.56 -8.79
C GLU B 80 -26.83 -11.22 -8.12
N LYS B 81 -26.48 -11.12 -6.84
CA LYS B 81 -26.64 -9.88 -6.07
C LYS B 81 -25.30 -9.54 -5.45
N ILE B 82 -25.05 -8.26 -5.27
N ILE B 82 -25.10 -8.26 -5.20
CA ILE B 82 -23.77 -7.79 -4.72
CA ILE B 82 -23.83 -7.71 -4.72
C ILE B 82 -23.87 -7.46 -3.23
C ILE B 82 -23.87 -7.41 -3.23
N CYS B 83 -22.82 -7.78 -2.49
CA CYS B 83 -22.77 -7.48 -1.07
C CYS B 83 -22.47 -6.00 -0.83
N LEU B 84 -23.33 -5.32 -0.08
CA LEU B 84 -23.07 -3.95 0.36
C LEU B 84 -23.20 -3.89 1.88
N VAL B 85 -22.43 -2.97 2.46
CA VAL B 85 -22.51 -2.70 3.90
C VAL B 85 -22.84 -1.24 4.15
N ARG B 86 -23.50 -1.01 5.29
CA ARG B 86 -23.89 0.32 5.71
C ARG B 86 -23.20 0.61 7.02
N GLY B 87 -22.45 1.71 7.03
CA GLY B 87 -21.72 2.11 8.24
C GLY B 87 -22.62 2.57 9.36
N GLN B 88 -22.18 2.36 10.60
CA GLN B 88 -22.89 2.90 11.77
C GLN B 88 -23.14 4.39 11.63
N GLY B 89 -24.39 4.80 11.83
CA GLY B 89 -24.76 6.23 11.75
C GLY B 89 -24.93 6.78 10.34
N GLU B 90 -24.79 5.91 9.34
CA GLU B 90 -24.89 6.31 7.93
C GLU B 90 -26.15 5.77 7.29
N ASP B 91 -26.62 6.45 6.24
CA ASP B 91 -27.83 6.02 5.54
C ASP B 91 -27.52 5.57 4.13
N SER B 92 -26.25 5.34 3.83
N SER B 92 -26.24 5.30 3.88
CA SER B 92 -25.83 4.93 2.49
CA SER B 92 -25.70 4.99 2.55
C SER B 92 -24.96 3.69 2.56
C SER B 92 -24.95 3.67 2.57
N TRP B 93 -24.80 3.05 1.40
CA TRP B 93 -24.20 1.73 1.29
C TRP B 93 -22.98 1.73 0.38
N ALA B 94 -22.05 0.81 0.62
CA ALA B 94 -20.88 0.68 -0.23
C ALA B 94 -20.38 -0.74 -0.21
N LEU B 95 -19.48 -1.07 -1.15
CA LEU B 95 -18.77 -2.33 -1.09
C LEU B 95 -17.96 -2.37 0.21
N PRO B 96 -17.84 -3.55 0.83
CA PRO B 96 -16.95 -3.63 2.01
C PRO B 96 -15.53 -3.18 1.66
N GLY B 97 -14.86 -2.56 2.62
CA GLY B 97 -13.47 -2.16 2.47
C GLY B 97 -13.18 -0.89 3.22
N GLY B 98 -12.15 -0.19 2.79
CA GLY B 98 -11.68 0.99 3.51
C GLY B 98 -10.23 1.23 3.19
N PHE B 99 -9.58 2.06 3.98
CA PHE B 99 -8.15 2.35 3.75
C PHE B 99 -7.31 1.12 3.79
N GLY B 100 -6.34 1.07 2.87
CA GLY B 100 -5.27 0.09 3.00
C GLY B 100 -4.38 0.49 4.18
N GLU B 101 -4.04 -0.50 5.01
CA GLU B 101 -3.18 -0.25 6.18
C GLU B 101 -1.76 -0.66 5.91
N VAL B 102 -0.85 0.09 6.50
CA VAL B 102 0.57 -0.25 6.47
C VAL B 102 0.78 -1.53 7.25
N GLY B 103 1.59 -2.43 6.70
CA GLY B 103 1.90 -3.69 7.34
C GLY B 103 1.18 -4.89 6.77
N TYR B 104 0.35 -4.66 5.75
CA TYR B 104 -0.44 -5.71 5.11
C TYR B 104 -0.30 -5.49 3.61
N SER B 105 -0.29 -6.59 2.87
CA SER B 105 -0.24 -6.52 1.41
C SER B 105 -1.59 -6.11 0.85
N PRO B 106 -1.70 -5.89 -0.47
CA PRO B 106 -3.02 -5.55 -1.02
C PRO B 106 -4.09 -6.59 -0.75
N THR B 107 -3.77 -7.86 -0.98
CA THR B 107 -4.78 -8.88 -0.73
C THR B 107 -5.04 -9.06 0.77
N GLU B 108 -4.00 -8.97 1.60
CA GLU B 108 -4.19 -9.11 3.03
C GLU B 108 -5.05 -7.96 3.57
N ASN B 109 -4.89 -6.79 2.98
CA ASN B 109 -5.72 -5.64 3.36
C ASN B 109 -7.20 -5.87 3.11
N ILE B 110 -7.56 -6.38 1.93
CA ILE B 110 -8.98 -6.58 1.70
C ILE B 110 -9.51 -7.70 2.59
N LEU B 111 -8.71 -8.73 2.84
CA LEU B 111 -9.20 -9.81 3.69
C LEU B 111 -9.40 -9.31 5.12
N LYS B 112 -8.49 -8.48 5.61
CA LYS B 112 -8.61 -7.88 6.95
C LYS B 112 -9.88 -7.04 7.03
N GLU B 113 -10.12 -6.20 6.03
CA GLU B 113 -11.34 -5.38 5.99
C GLU B 113 -12.61 -6.24 5.94
N ILE B 114 -12.61 -7.28 5.11
CA ILE B 114 -13.76 -8.16 5.02
C ILE B 114 -14.05 -8.78 6.38
N GLU B 115 -13.02 -9.30 7.04
CA GLU B 115 -13.26 -9.99 8.32
C GLU B 115 -13.78 -9.01 9.36
N GLU B 116 -13.16 -7.85 9.47
CA GLU B 116 -13.54 -6.88 10.50
C GLU B 116 -14.92 -6.32 10.27
N GLU B 117 -15.29 -6.08 9.02
CA GLU B 117 -16.59 -5.49 8.69
C GLU B 117 -17.72 -6.50 8.60
N THR B 118 -17.49 -7.63 7.93
CA THR B 118 -18.55 -8.59 7.62
C THR B 118 -18.64 -9.77 8.57
N GLY B 119 -17.55 -10.07 9.29
CA GLY B 119 -17.51 -11.22 10.20
C GLY B 119 -17.21 -12.53 9.48
N PHE B 120 -16.78 -12.41 8.23
CA PHE B 120 -16.46 -13.58 7.42
C PHE B 120 -15.00 -13.67 7.03
N LYS B 121 -14.47 -14.89 7.07
CA LYS B 121 -13.24 -15.21 6.35
C LYS B 121 -13.55 -15.18 4.85
N ALA B 122 -12.53 -15.04 4.01
CA ALA B 122 -12.77 -14.89 2.59
C ALA B 122 -11.58 -15.32 1.77
N LYS B 123 -11.79 -15.44 0.47
CA LYS B 123 -10.66 -15.61 -0.44
C LYS B 123 -10.73 -14.62 -1.57
N VAL B 124 -9.55 -14.16 -1.97
CA VAL B 124 -9.43 -13.22 -3.09
C VAL B 124 -9.33 -14.03 -4.37
N GLU B 125 -10.25 -13.77 -5.29
N GLU B 125 -10.22 -13.73 -5.31
CA GLU B 125 -10.25 -14.43 -6.60
CA GLU B 125 -10.28 -14.44 -6.59
C GLU B 125 -9.33 -13.70 -7.58
C GLU B 125 -9.54 -13.74 -7.74
N ARG B 126 -9.58 -12.40 -7.75
CA ARG B 126 -8.87 -11.60 -8.78
C ARG B 126 -9.00 -10.14 -8.43
N LEU B 127 -8.17 -9.31 -9.02
CA LEU B 127 -8.36 -7.86 -8.99
C LEU B 127 -9.24 -7.49 -10.20
N LEU B 128 -10.38 -6.86 -9.94
CA LEU B 128 -11.29 -6.48 -11.02
C LEU B 128 -11.02 -5.09 -11.58
N ALA B 129 -10.57 -4.15 -10.75
CA ALA B 129 -10.42 -2.77 -11.16
C ALA B 129 -9.45 -2.06 -10.25
N VAL B 130 -8.77 -1.07 -10.82
CA VAL B 130 -8.05 -0.06 -10.05
C VAL B 130 -8.63 1.29 -10.49
N PHE B 131 -9.49 1.85 -9.65
CA PHE B 131 -10.13 3.12 -9.96
C PHE B 131 -9.37 4.32 -9.39
N ASP B 132 -9.44 5.42 -10.11
CA ASP B 132 -9.00 6.71 -9.59
C ASP B 132 -10.22 7.47 -9.09
N THR B 133 -10.27 7.79 -7.80
CA THR B 133 -11.41 8.57 -7.30
C THR B 133 -11.53 9.93 -7.97
N ASN B 134 -10.44 10.48 -8.50
CA ASN B 134 -10.55 11.76 -9.21
C ASN B 134 -11.46 11.65 -10.43
N ARG B 135 -11.57 10.46 -11.02
CA ARG B 135 -12.45 10.28 -12.18
C ARG B 135 -13.91 10.06 -11.78
N PHE B 136 -14.15 9.26 -10.74
CA PHE B 136 -15.49 8.78 -10.46
C PHE B 136 -16.19 9.45 -9.30
N GLN B 137 -15.41 9.99 -8.35
CA GLN B 137 -15.98 10.57 -7.12
C GLN B 137 -15.00 11.59 -6.55
N LEU B 138 -14.77 12.65 -7.33
CA LEU B 138 -13.76 13.65 -6.99
C LEU B 138 -13.96 14.15 -5.57
N GLN B 139 -12.89 14.12 -4.80
CA GLN B 139 -12.96 14.58 -3.40
C GLN B 139 -11.64 15.26 -3.05
N SER B 140 -11.55 15.76 -1.83
CA SER B 140 -10.38 16.56 -1.45
C SER B 140 -9.10 15.75 -1.38
N LYS B 141 -9.24 14.44 -1.17
N LYS B 141 -9.23 14.45 -1.11
CA LYS B 141 -8.14 13.50 -1.18
CA LYS B 141 -8.11 13.51 -1.20
C LYS B 141 -8.29 12.57 -2.38
C LYS B 141 -8.29 12.66 -2.44
N GLN B 142 -7.17 12.19 -2.98
CA GLN B 142 -7.19 11.26 -4.11
C GLN B 142 -6.84 9.87 -3.61
N TYR B 143 -7.64 8.89 -4.04
CA TYR B 143 -7.40 7.49 -3.72
C TYR B 143 -7.19 6.65 -4.96
N THR B 144 -6.36 5.63 -4.80
CA THR B 144 -6.27 4.51 -5.71
C THR B 144 -7.11 3.41 -5.10
N LYS B 145 -8.20 3.09 -5.78
CA LYS B 145 -9.23 2.22 -5.24
C LYS B 145 -9.13 0.84 -5.91
N PHE B 146 -8.57 -0.12 -5.19
CA PHE B 146 -8.46 -1.50 -5.66
C PHE B 146 -9.80 -2.18 -5.40
N VAL B 147 -10.36 -2.84 -6.41
CA VAL B 147 -11.59 -3.61 -6.16
C VAL B 147 -11.29 -5.05 -6.49
N PHE B 148 -11.31 -5.91 -5.47
CA PHE B 148 -11.01 -7.34 -5.60
C PHE B 148 -12.30 -8.13 -5.64
N GLY B 149 -12.40 -9.05 -6.60
CA GLY B 149 -13.44 -10.07 -6.55
C GLY B 149 -13.11 -11.07 -5.47
N CYS B 150 -14.04 -11.28 -4.54
CA CYS B 150 -13.80 -12.13 -3.37
C CYS B 150 -14.97 -13.08 -3.16
N LYS B 151 -14.67 -14.22 -2.53
CA LYS B 151 -15.70 -15.18 -2.09
C LYS B 151 -15.64 -15.28 -0.57
N LEU B 152 -16.82 -15.24 0.06
CA LEU B 152 -16.90 -15.41 1.51
C LEU B 152 -16.82 -16.89 1.87
N LEU B 153 -16.16 -17.15 2.99
CA LEU B 153 -16.01 -18.50 3.51
C LEU B 153 -16.81 -18.60 4.82
N ASP B 154 -16.23 -19.10 5.89
CA ASP B 154 -16.98 -19.25 7.13
C ASP B 154 -17.06 -17.96 7.93
N GLY B 155 -18.16 -17.83 8.66
CA GLY B 155 -18.32 -16.74 9.60
C GLY B 155 -19.78 -16.39 9.76
N GLN B 156 -20.03 -15.18 10.28
CA GLN B 156 -21.39 -14.69 10.47
C GLN B 156 -21.34 -13.19 10.67
N PHE B 157 -22.29 -12.49 10.04
CA PHE B 157 -22.37 -11.05 10.22
C PHE B 157 -22.86 -10.70 11.60
N GLN B 158 -22.15 -9.76 12.22
CA GLN B 158 -22.55 -9.20 13.50
C GLN B 158 -22.41 -7.68 13.41
N GLU B 159 -23.49 -6.97 13.71
CA GLU B 159 -23.40 -5.53 13.82
C GLU B 159 -22.25 -5.17 14.77
N ASN B 160 -21.42 -4.21 14.37
CA ASN B 160 -20.30 -3.77 15.22
C ASN B 160 -20.09 -2.25 15.18
N GLN B 161 -19.01 -1.77 15.79
CA GLN B 161 -18.79 -0.33 15.89
C GLN B 161 -18.59 0.36 14.55
N GLU B 162 -18.23 -0.42 13.53
CA GLU B 162 -18.06 0.11 12.19
C GLU B 162 -19.30 -0.06 11.30
N ILE B 163 -19.88 -1.26 11.32
CA ILE B 163 -20.91 -1.64 10.34
C ILE B 163 -22.24 -1.92 11.03
N ALA B 164 -23.27 -1.22 10.58
CA ALA B 164 -24.63 -1.41 11.05
C ALA B 164 -25.39 -2.53 10.37
N ASP B 165 -25.10 -2.79 9.08
CA ASP B 165 -25.86 -3.79 8.34
C ASP B 165 -25.06 -4.26 7.12
N LEU B 166 -25.40 -5.46 6.67
CA LEU B 166 -24.80 -6.09 5.48
C LEU B 166 -25.94 -6.77 4.75
N GLN B 167 -26.08 -6.49 3.47
CA GLN B 167 -27.18 -7.07 2.68
C GLN B 167 -26.71 -7.26 1.25
N PHE B 168 -27.42 -8.08 0.50
CA PHE B 168 -27.14 -8.31 -0.92
C PHE B 168 -28.20 -7.64 -1.77
N PHE B 169 -27.78 -6.98 -2.84
CA PHE B 169 -28.67 -6.18 -3.68
C PHE B 169 -28.52 -6.51 -5.15
N ALA B 170 -29.64 -6.59 -5.85
CA ALA B 170 -29.59 -6.74 -7.29
C ALA B 170 -29.08 -5.44 -7.89
N ILE B 171 -28.36 -5.50 -9.00
N ILE B 171 -28.40 -5.57 -9.03
CA ILE B 171 -27.85 -4.25 -9.55
CA ILE B 171 -27.84 -4.43 -9.78
C ILE B 171 -28.95 -3.33 -10.10
C ILE B 171 -28.88 -3.42 -10.22
N ASP B 172 -30.11 -3.90 -10.42
CA ASP B 172 -31.26 -3.06 -10.81
C ASP B 172 -32.12 -2.61 -9.61
N GLN B 173 -31.69 -2.93 -8.39
CA GLN B 173 -32.37 -2.52 -7.18
C GLN B 173 -31.38 -2.01 -6.15
N LEU B 174 -30.38 -1.26 -6.59
CA LEU B 174 -29.39 -0.75 -5.63
C LEU B 174 -30.00 0.22 -4.64
N PRO B 175 -29.50 0.20 -3.39
CA PRO B 175 -29.95 1.16 -2.40
C PRO B 175 -29.20 2.49 -2.60
N ASN B 176 -29.40 3.42 -1.68
CA ASN B 176 -28.68 4.68 -1.68
C ASN B 176 -27.19 4.40 -1.48
N LEU B 177 -26.38 4.78 -2.46
CA LEU B 177 -24.94 4.52 -2.40
C LEU B 177 -24.16 5.65 -1.73
N SER B 178 -23.12 5.30 -1.00
CA SER B 178 -22.15 6.27 -0.51
C SER B 178 -21.21 6.53 -1.68
N GLU B 179 -21.51 7.58 -2.45
N GLU B 179 -21.47 7.57 -2.45
CA GLU B 179 -20.84 7.88 -3.72
CA GLU B 179 -20.78 7.77 -3.72
C GLU B 179 -19.32 8.03 -3.56
C GLU B 179 -19.31 8.12 -3.61
N LYS B 180 -18.89 8.61 -2.45
CA LYS B 180 -17.47 8.84 -2.22
C LYS B 180 -16.72 7.53 -2.10
N ARG B 181 -17.46 6.44 -1.81
CA ARG B 181 -16.88 5.11 -1.68
C ARG B 181 -17.09 4.23 -2.91
N ILE B 182 -18.26 4.29 -3.52
CA ILE B 182 -18.55 3.54 -4.75
C ILE B 182 -19.74 4.18 -5.42
N THR B 183 -19.69 4.24 -6.76
CA THR B 183 -20.81 4.77 -7.53
C THR B 183 -21.50 3.71 -8.35
N LYS B 184 -22.70 4.02 -8.80
CA LYS B 184 -23.44 3.10 -9.66
C LYS B 184 -22.66 2.81 -10.94
N GLU B 185 -22.05 3.85 -11.51
N GLU B 185 -22.05 3.85 -11.50
CA GLU B 185 -21.23 3.64 -12.70
CA GLU B 185 -21.23 3.68 -12.69
C GLU B 185 -20.12 2.61 -12.45
C GLU B 185 -20.07 2.69 -12.49
N GLN B 186 -19.41 2.75 -11.33
CA GLN B 186 -18.38 1.78 -10.98
C GLN B 186 -18.96 0.38 -10.79
N ILE B 187 -20.11 0.26 -10.12
CA ILE B 187 -20.75 -1.06 -9.96
C ILE B 187 -21.10 -1.68 -11.32
N GLU B 188 -21.57 -0.86 -12.26
CA GLU B 188 -21.91 -1.39 -13.60
C GLU B 188 -20.68 -1.85 -14.35
N LEU B 189 -19.59 -1.08 -14.27
CA LEU B 189 -18.34 -1.50 -14.88
C LEU B 189 -17.83 -2.79 -14.24
N LEU B 190 -17.87 -2.86 -12.91
CA LEU B 190 -17.43 -4.05 -12.19
C LEU B 190 -18.21 -5.28 -12.58
N TRP B 191 -19.52 -5.12 -12.77
CA TRP B 191 -20.34 -6.25 -13.18
C TRP B 191 -19.87 -6.78 -14.53
N GLN B 192 -19.58 -5.84 -15.45
CA GLN B 192 -19.06 -6.24 -16.77
C GLN B 192 -17.74 -6.98 -16.68
N VAL B 193 -16.80 -6.49 -15.86
CA VAL B 193 -15.53 -7.16 -15.69
C VAL B 193 -15.74 -8.55 -15.07
N TYR B 194 -16.54 -8.59 -14.01
CA TYR B 194 -16.83 -9.82 -13.29
C TYR B 194 -17.39 -10.91 -14.22
N GLN B 195 -18.27 -10.50 -15.13
N GLN B 195 -18.27 -10.53 -15.15
CA GLN B 195 -18.90 -11.42 -16.10
CA GLN B 195 -18.86 -11.49 -16.09
C GLN B 195 -18.03 -11.69 -17.33
C GLN B 195 -17.89 -11.89 -17.22
N GLY B 196 -16.79 -11.17 -17.35
CA GLY B 196 -15.82 -11.43 -18.41
C GLY B 196 -16.18 -10.74 -19.71
N HIS B 197 -16.96 -9.65 -19.62
CA HIS B 197 -17.37 -8.91 -20.81
C HIS B 197 -16.56 -7.69 -21.08
N ARG B 198 -15.54 -7.48 -20.27
CA ARG B 198 -14.43 -6.55 -20.56
C ARG B 198 -13.30 -6.92 -19.63
N GLY B 199 -12.12 -6.44 -19.93
CA GLY B 199 -10.93 -6.78 -19.16
C GLY B 199 -10.84 -6.00 -17.87
N GLN B 200 -9.83 -6.34 -17.08
CA GLN B 200 -9.57 -5.60 -15.85
C GLN B 200 -9.61 -4.10 -16.13
N TYR B 201 -10.32 -3.35 -15.29
CA TYR B 201 -10.48 -1.92 -15.51
C TYR B 201 -9.36 -1.13 -14.81
N LEU B 202 -8.67 -0.28 -15.56
CA LEU B 202 -7.61 0.56 -14.99
C LEU B 202 -7.81 2.01 -15.38
N ASP B 203 -7.91 2.91 -14.41
CA ASP B 203 -7.83 4.35 -14.74
C ASP B 203 -6.40 4.79 -14.98
#